data_5P9R
#
_entry.id   5P9R
#
_cell.length_a   90.267
_cell.length_b   159.965
_cell.length_c   67.750
_cell.angle_alpha   90.000
_cell.angle_beta   90.000
_cell.angle_gamma   90.000
#
_symmetry.space_group_name_H-M   'C 2 2 21'
#
loop_
_entity.id
_entity.type
_entity.pdbx_description
1 polymer 'Catechol O-methyltransferase'
2 non-polymer 'MAGNESIUM ION'
3 non-polymer S-ADENOSYL-L-HOMOCYSTEINE
4 non-polymer 5-chloranyl-6-(4-fluorophenyl)-8-oxidanyl-3~{H}-quinazolin-4-one
5 non-polymer 'CHLORIDE ION'
6 non-polymer 'SODIUM ION'
7 water water
#
_entity_poly.entity_id   1
_entity_poly.type   'polypeptide(L)'
_entity_poly.pdbx_seq_one_letter_code
;MGDTKEQRILRYVQQNAKPGDPQSVLEAIDTYCTQKEWAMNVGDAKGQIMDAVIREYSPSLVLELGAYCGYSAVRMARLL
QPGARLLTMEINPDCAAITQQMLNFAGLQDKVTILNGASQDLIPQLKKKYDVDTLDMVFLDHWKDRYLPDTLLLEKCGLL
RKGTVLLADNVIVPGTPDFLAYVRGSSSFECTHYSSYLEYMKVVDGLEKAIYQGPSSPDKS
;
_entity_poly.pdbx_strand_id   A,B
#
loop_
_chem_comp.id
_chem_comp.type
_chem_comp.name
_chem_comp.formula
7JJ non-polymer 5-chloranyl-6-(4-fluorophenyl)-8-oxidanyl-3~{H}-quinazolin-4-one 'C14 H8 Cl F N2 O2'
CL non-polymer 'CHLORIDE ION' 'Cl -1'
MG non-polymer 'MAGNESIUM ION' 'Mg 2'
NA non-polymer 'SODIUM ION' 'Na 1'
#
# COMPACT_ATOMS: atom_id res chain seq x y z
N GLY A 2 16.87 8.46 3.22
CA GLY A 2 16.22 9.32 2.24
C GLY A 2 15.49 8.53 1.16
N ASP A 3 15.68 7.20 1.18
CA ASP A 3 15.04 6.31 0.21
C ASP A 3 13.52 6.44 0.26
N THR A 4 12.89 6.44 -0.92
CA THR A 4 11.46 6.22 -1.01
C THR A 4 11.22 4.74 -0.76
N LYS A 5 9.97 4.30 -0.65
CA LYS A 5 9.72 2.87 -0.48
C LYS A 5 10.29 2.10 -1.68
N GLU A 6 10.11 2.67 -2.86
CA GLU A 6 10.59 2.06 -4.10
C GLU A 6 12.14 1.94 -4.12
N GLN A 7 12.84 2.94 -3.62
CA GLN A 7 14.30 2.88 -3.54
C GLN A 7 14.74 1.83 -2.52
N ARG A 8 13.92 1.61 -1.49
CA ARG A 8 14.25 0.61 -0.49
C ARG A 8 14.14 -0.79 -1.10
N ILE A 9 13.13 -0.98 -1.95
CA ILE A 9 12.96 -2.23 -2.65
C ILE A 9 14.18 -2.49 -3.55
N LEU A 10 14.55 -1.51 -4.38
CA LEU A 10 15.73 -1.61 -5.25
C LEU A 10 17.02 -1.88 -4.48
N ARG A 11 17.23 -1.18 -3.37
CA ARG A 11 18.40 -1.42 -2.53
C ARG A 11 18.42 -2.87 -2.02
N TYR A 12 17.27 -3.40 -1.65
CA TYR A 12 17.20 -4.77 -1.17
C TYR A 12 17.52 -5.78 -2.29
N VAL A 13 16.98 -5.54 -3.49
CA VAL A 13 17.32 -6.38 -4.64
C VAL A 13 18.82 -6.30 -4.96
N GLN A 14 19.38 -5.09 -5.00
CA GLN A 14 20.77 -4.88 -5.43
C GLN A 14 21.78 -5.66 -4.56
N GLN A 15 21.51 -5.79 -3.27
CA GLN A 15 22.43 -6.53 -2.42
C GLN A 15 22.06 -7.98 -2.15
N ASN A 16 20.85 -8.41 -2.53
CA ASN A 16 20.42 -9.76 -2.19
C ASN A 16 20.19 -10.68 -3.39
N ALA A 17 19.73 -10.12 -4.51
CA ALA A 17 19.44 -10.94 -5.68
C ALA A 17 20.72 -11.25 -6.47
N LYS A 18 20.69 -12.31 -7.27
CA LYS A 18 21.82 -12.63 -8.14
C LYS A 18 21.73 -11.77 -9.39
N PRO A 19 22.79 -10.99 -9.66
CA PRO A 19 22.74 -10.12 -10.85
C PRO A 19 22.50 -10.93 -12.10
N GLY A 20 21.69 -10.39 -13.01
CA GLY A 20 21.39 -11.03 -14.28
C GLY A 20 20.40 -12.17 -14.17
N ASP A 21 19.83 -12.37 -12.99
CA ASP A 21 18.95 -13.51 -12.73
C ASP A 21 17.54 -13.04 -12.43
N PRO A 22 16.65 -13.00 -13.45
CA PRO A 22 15.30 -12.43 -13.26
C PRO A 22 14.53 -13.11 -12.14
N GLN A 23 14.55 -14.44 -12.10
CA GLN A 23 13.86 -15.19 -11.06
C GLN A 23 14.34 -14.79 -9.66
N SER A 24 15.65 -14.63 -9.50
CA SER A 24 16.23 -14.22 -8.22
C SER A 24 15.74 -12.82 -7.81
N VAL A 25 15.62 -11.94 -8.81
CA VAL A 25 15.08 -10.59 -8.60
C VAL A 25 13.64 -10.65 -8.10
N LEU A 26 12.82 -11.48 -8.74
CA LEU A 26 11.43 -11.59 -8.31
C LEU A 26 11.34 -12.12 -6.88
N GLU A 27 12.09 -13.18 -6.60
CA GLU A 27 12.13 -13.79 -5.27
C GLU A 27 12.53 -12.78 -4.19
N ALA A 28 13.51 -11.93 -4.50
CA ALA A 28 13.96 -10.91 -3.54
C ALA A 28 12.88 -9.83 -3.24
N ILE A 29 12.17 -9.38 -4.27
CA ILE A 29 11.08 -8.42 -4.10
C ILE A 29 9.97 -9.08 -3.27
N ASP A 30 9.58 -10.30 -3.62
CA ASP A 30 8.56 -11.02 -2.86
C ASP A 30 8.94 -11.12 -1.39
N THR A 31 10.22 -11.41 -1.16
CA THR A 31 10.73 -11.56 0.19
C THR A 31 10.64 -10.22 0.94
N TYR A 32 11.09 -9.14 0.30
CA TYR A 32 10.98 -7.82 0.93
C TYR A 32 9.53 -7.48 1.30
N CYS A 33 8.61 -7.64 0.36
CA CYS A 33 7.23 -7.26 0.60
C CYS A 33 6.51 -8.10 1.62
N THR A 34 6.98 -9.34 1.82
CA THR A 34 6.39 -10.23 2.81
C THR A 34 6.96 -10.00 4.21
N GLN A 35 8.26 -9.81 4.29
CA GLN A 35 8.97 -9.78 5.57
CA GLN A 35 8.92 -9.78 5.60
C GLN A 35 9.17 -8.37 6.12
N LYS A 36 9.28 -7.39 5.22
CA LYS A 36 9.64 -6.04 5.67
C LYS A 36 8.58 -4.95 5.50
N GLU A 37 8.05 -4.80 4.30
CA GLU A 37 7.20 -3.67 3.99
C GLU A 37 6.38 -4.04 2.78
N TRP A 38 5.06 -3.90 2.87
CA TRP A 38 4.16 -4.25 1.75
C TRP A 38 4.33 -3.29 0.58
N ALA A 39 4.20 -3.81 -0.64
CA ALA A 39 4.16 -2.94 -1.81
C ALA A 39 3.24 -3.54 -2.86
N MET A 40 2.70 -2.68 -3.74
CA MET A 40 1.69 -3.12 -4.71
C MET A 40 2.22 -3.74 -6.00
N ASN A 41 3.21 -4.62 -5.87
CA ASN A 41 3.63 -5.49 -6.97
C ASN A 41 2.49 -6.48 -7.23
N VAL A 42 2.36 -6.99 -8.46
CA VAL A 42 1.34 -8.00 -8.72
C VAL A 42 1.50 -9.24 -7.82
N GLY A 43 2.74 -9.55 -7.43
CA GLY A 43 3.00 -10.58 -6.44
C GLY A 43 3.11 -11.98 -7.03
N ASP A 44 3.49 -12.96 -6.22
CA ASP A 44 3.70 -14.30 -6.76
C ASP A 44 2.42 -15.08 -7.11
N ALA A 45 1.39 -14.98 -6.28
CA ALA A 45 0.16 -15.73 -6.54
C ALA A 45 -0.50 -15.32 -7.86
N LYS A 46 -0.82 -14.04 -8.02
CA LYS A 46 -1.36 -13.54 -9.29
C LYS A 46 -0.31 -13.58 -10.39
N GLY A 47 0.96 -13.51 -9.99
CA GLY A 47 2.09 -13.68 -10.91
C GLY A 47 2.06 -15.01 -11.66
N GLN A 48 1.63 -16.09 -10.99
CA GLN A 48 1.54 -17.40 -11.63
C GLN A 48 0.53 -17.39 -12.79
N ILE A 49 -0.55 -16.64 -12.60
CA ILE A 49 -1.60 -16.53 -13.62
C ILE A 49 -1.05 -15.76 -14.83
N MET A 50 -0.36 -14.66 -14.56
CA MET A 50 0.29 -13.88 -15.61
CA MET A 50 0.27 -13.88 -15.63
C MET A 50 1.29 -14.71 -16.40
N ASP A 51 2.09 -15.50 -15.69
CA ASP A 51 3.06 -16.37 -16.37
C ASP A 51 2.32 -17.32 -17.31
N ALA A 52 1.23 -17.90 -16.85
CA ALA A 52 0.49 -18.88 -17.66
C ALA A 52 -0.05 -18.21 -18.94
N VAL A 53 -0.56 -16.99 -18.78
CA VAL A 53 -1.07 -16.21 -19.92
C VAL A 53 0.03 -15.93 -20.95
N ILE A 54 1.15 -15.38 -20.50
CA ILE A 54 2.29 -15.16 -21.41
C ILE A 54 2.67 -16.45 -22.14
N ARG A 55 2.80 -17.55 -21.41
CA ARG A 55 3.20 -18.82 -22.03
C ARG A 55 2.18 -19.30 -23.07
N GLU A 56 0.89 -19.16 -22.75
CA GLU A 56 -0.15 -19.66 -23.64
C GLU A 56 -0.27 -18.86 -24.95
N TYR A 57 -0.10 -17.54 -24.88
CA TYR A 57 -0.34 -16.69 -26.06
C TYR A 57 0.93 -16.23 -26.76
N SER A 58 2.08 -16.32 -26.08
CA SER A 58 3.39 -15.99 -26.66
C SER A 58 3.43 -14.66 -27.44
N PRO A 59 2.97 -13.56 -26.82
CA PRO A 59 2.84 -12.26 -27.49
C PRO A 59 4.19 -11.68 -27.94
N SER A 60 4.25 -11.10 -29.14
CA SER A 60 5.49 -10.48 -29.59
C SER A 60 5.61 -9.01 -29.18
N LEU A 61 4.47 -8.41 -28.86
CA LEU A 61 4.42 -7.01 -28.42
C LEU A 61 3.42 -6.89 -27.29
N VAL A 62 3.92 -6.56 -26.10
CA VAL A 62 3.07 -6.44 -24.93
C VAL A 62 3.09 -5.01 -24.43
N LEU A 63 1.95 -4.52 -23.97
CA LEU A 63 1.87 -3.19 -23.39
C LEU A 63 1.47 -3.33 -21.94
N GLU A 64 2.26 -2.73 -21.05
CA GLU A 64 1.94 -2.69 -19.63
C GLU A 64 1.59 -1.25 -19.22
N LEU A 65 0.48 -1.12 -18.49
CA LEU A 65 0.03 0.16 -17.95
C LEU A 65 0.35 0.12 -16.47
N GLY A 66 1.29 0.95 -16.03
CA GLY A 66 1.72 0.95 -14.64
C GLY A 66 2.92 0.03 -14.39
N ALA A 67 4.11 0.63 -14.22
CA ALA A 67 5.35 -0.13 -14.06
C ALA A 67 5.80 -0.24 -12.61
N TYR A 68 5.66 0.87 -11.87
CA TYR A 68 6.03 0.93 -10.47
C TYR A 68 7.53 0.65 -10.28
N CYS A 69 7.86 -0.50 -9.67
CA CYS A 69 9.25 -0.89 -9.42
C CYS A 69 9.81 -1.82 -10.48
N GLY A 70 8.95 -2.25 -11.41
CA GLY A 70 9.37 -3.11 -12.50
C GLY A 70 9.15 -4.59 -12.24
N TYR A 71 8.47 -4.93 -11.15
CA TYR A 71 8.25 -6.34 -10.82
C TYR A 71 7.55 -7.09 -11.96
N SER A 72 6.40 -6.57 -12.39
CA SER A 72 5.65 -7.23 -13.46
C SER A 72 6.38 -7.19 -14.82
N ALA A 73 7.17 -6.14 -15.06
CA ALA A 73 7.95 -6.07 -16.30
C ALA A 73 9.03 -7.16 -16.31
N VAL A 74 9.74 -7.32 -15.20
CA VAL A 74 10.65 -8.46 -15.03
C VAL A 74 9.90 -9.78 -15.26
N ARG A 75 8.71 -9.95 -14.66
CA ARG A 75 7.98 -11.22 -14.75
C ARG A 75 7.66 -11.59 -16.19
N MET A 76 7.17 -10.59 -16.92
CA MET A 76 6.73 -10.79 -18.28
C MET A 76 7.90 -10.87 -19.24
N ALA A 77 8.84 -9.93 -19.12
CA ALA A 77 9.99 -9.89 -20.01
C ALA A 77 10.81 -11.19 -19.97
N ARG A 78 10.92 -11.80 -18.79
CA ARG A 78 11.71 -13.01 -18.65
C ARG A 78 11.12 -14.16 -19.44
N LEU A 79 9.84 -14.06 -19.80
CA LEU A 79 9.12 -15.11 -20.52
C LEU A 79 8.91 -14.84 -22.00
N LEU A 80 9.28 -13.66 -22.45
CA LEU A 80 9.10 -13.28 -23.85
C LEU A 80 10.04 -14.07 -24.75
N GLN A 81 9.54 -14.50 -25.91
CA GLN A 81 10.40 -15.15 -26.90
C GLN A 81 11.41 -14.17 -27.46
N PRO A 82 12.55 -14.67 -27.96
CA PRO A 82 13.53 -13.79 -28.59
C PRO A 82 12.90 -13.02 -29.76
N GLY A 83 13.13 -11.72 -29.81
CA GLY A 83 12.49 -10.88 -30.82
C GLY A 83 11.28 -10.13 -30.30
N ALA A 84 10.71 -10.60 -29.20
CA ALA A 84 9.53 -9.99 -28.59
C ALA A 84 9.90 -8.80 -27.72
N ARG A 85 8.95 -7.90 -27.53
CA ARG A 85 9.21 -6.70 -26.75
C ARG A 85 8.05 -6.34 -25.82
N LEU A 86 8.42 -5.67 -24.73
CA LEU A 86 7.45 -5.12 -23.79
C LEU A 86 7.62 -3.61 -23.80
N LEU A 87 6.49 -2.90 -23.81
CA LEU A 87 6.46 -1.45 -23.67
C LEU A 87 5.75 -1.20 -22.36
N THR A 88 6.35 -0.43 -21.46
CA THR A 88 5.62 -0.16 -20.23
C THR A 88 5.46 1.35 -19.97
N MET A 89 4.24 1.76 -19.65
CA MET A 89 3.92 3.17 -19.44
C MET A 89 3.85 3.49 -17.96
N GLU A 90 4.54 4.55 -17.56
CA GLU A 90 4.61 4.91 -16.16
C GLU A 90 4.56 6.42 -16.05
N ILE A 91 3.59 6.90 -15.28
CA ILE A 91 3.30 8.34 -15.16
C ILE A 91 4.28 9.04 -14.23
N ASN A 92 4.86 8.26 -13.33
CA ASN A 92 5.75 8.78 -12.29
C ASN A 92 7.21 8.51 -12.65
N PRO A 93 7.98 9.58 -12.92
CA PRO A 93 9.36 9.51 -13.40
C PRO A 93 10.31 8.84 -12.41
N ASP A 94 10.02 8.95 -11.12
CA ASP A 94 10.81 8.26 -10.11
C ASP A 94 10.62 6.75 -10.18
N CYS A 95 9.38 6.31 -10.40
CA CYS A 95 9.08 4.90 -10.61
C CYS A 95 9.66 4.42 -11.92
N ALA A 96 9.57 5.24 -12.95
CA ALA A 96 10.20 4.87 -14.22
C ALA A 96 11.72 4.69 -14.07
N ALA A 97 12.33 5.44 -13.15
CA ALA A 97 13.77 5.28 -12.90
C ALA A 97 14.08 3.97 -12.17
N ILE A 98 13.32 3.67 -11.11
CA ILE A 98 13.47 2.40 -10.42
C ILE A 98 13.26 1.26 -11.40
N THR A 99 12.18 1.30 -12.16
CA THR A 99 11.87 0.21 -13.08
C THR A 99 13.07 -0.04 -14.00
N GLN A 100 13.65 1.05 -14.51
CA GLN A 100 14.80 0.91 -15.41
C GLN A 100 16.00 0.23 -14.75
N GLN A 101 16.29 0.61 -13.51
CA GLN A 101 17.37 -0.03 -12.79
C GLN A 101 17.06 -1.50 -12.48
N MET A 102 15.81 -1.82 -12.20
CA MET A 102 15.43 -3.19 -11.88
C MET A 102 15.61 -4.09 -13.11
N LEU A 103 15.23 -3.56 -14.27
CA LEU A 103 15.38 -4.29 -15.52
C LEU A 103 16.85 -4.47 -15.85
N ASN A 104 17.65 -3.41 -15.71
CA ASN A 104 19.10 -3.51 -15.89
C ASN A 104 19.71 -4.59 -14.99
N PHE A 105 19.38 -4.56 -13.71
CA PHE A 105 19.89 -5.56 -12.82
C PHE A 105 19.53 -6.97 -13.30
N ALA A 106 18.27 -7.19 -13.68
CA ALA A 106 17.84 -8.53 -14.08
C ALA A 106 18.43 -8.93 -15.42
N GLY A 107 19.01 -7.96 -16.12
CA GLY A 107 19.54 -8.16 -17.47
C GLY A 107 18.50 -8.20 -18.57
N LEU A 108 17.35 -7.57 -18.32
CA LEU A 108 16.23 -7.65 -19.27
C LEU A 108 15.97 -6.33 -20.00
N GLN A 109 16.93 -5.41 -19.91
CA GLN A 109 16.73 -4.05 -20.42
C GLN A 109 16.54 -4.02 -21.94
N ASP A 110 17.07 -5.01 -22.64
CA ASP A 110 16.94 -5.06 -24.10
C ASP A 110 15.54 -5.48 -24.58
N LYS A 111 14.76 -6.10 -23.71
CA LYS A 111 13.42 -6.55 -24.11
C LYS A 111 12.36 -5.50 -23.81
N VAL A 112 12.73 -4.48 -23.04
CA VAL A 112 11.73 -3.58 -22.48
C VAL A 112 12.02 -2.10 -22.80
N THR A 113 10.97 -1.36 -23.13
CA THR A 113 11.07 0.08 -23.32
C THR A 113 10.13 0.79 -22.36
N ILE A 114 10.67 1.65 -21.51
CA ILE A 114 9.82 2.42 -20.59
C ILE A 114 9.38 3.72 -21.26
N LEU A 115 8.07 3.94 -21.32
CA LEU A 115 7.50 5.17 -21.86
C LEU A 115 7.03 6.03 -20.71
N ASN A 116 7.54 7.25 -20.63
CA ASN A 116 7.20 8.11 -19.50
C ASN A 116 6.03 9.03 -19.74
N GLY A 117 5.02 8.91 -18.90
CA GLY A 117 3.85 9.78 -18.97
C GLY A 117 2.58 9.03 -18.68
N ALA A 118 1.46 9.74 -18.82
CA ALA A 118 0.15 9.20 -18.52
C ALA A 118 -0.27 8.33 -19.70
N SER A 119 -0.79 7.15 -19.38
CA SER A 119 -1.29 6.25 -20.40
C SER A 119 -2.28 6.97 -21.34
N GLN A 120 -3.11 7.85 -20.78
CA GLN A 120 -4.10 8.55 -21.63
C GLN A 120 -3.42 9.43 -22.66
N ASP A 121 -2.24 9.94 -22.33
CA ASP A 121 -1.47 10.75 -23.26
C ASP A 121 -0.61 9.92 -24.24
N LEU A 122 -0.09 8.78 -23.76
CA LEU A 122 0.82 7.99 -24.57
C LEU A 122 0.15 7.08 -25.60
N ILE A 123 -0.99 6.49 -25.23
CA ILE A 123 -1.66 5.54 -26.11
C ILE A 123 -1.90 6.09 -27.55
N PRO A 124 -2.38 7.35 -27.67
CA PRO A 124 -2.59 7.87 -29.03
C PRO A 124 -1.28 8.14 -29.80
N GLN A 125 -0.14 8.07 -29.12
CA GLN A 125 1.17 8.25 -29.77
C GLN A 125 1.83 6.94 -30.20
N LEU A 126 1.29 5.81 -29.76
CA LEU A 126 1.93 4.51 -29.99
C LEU A 126 2.22 4.20 -31.45
N LYS A 127 1.23 4.40 -32.32
CA LYS A 127 1.41 4.08 -33.73
C LYS A 127 2.51 4.93 -34.38
N LYS A 128 2.39 6.26 -34.29
CA LYS A 128 3.32 7.17 -34.94
C LYS A 128 4.70 7.17 -34.29
N LYS A 129 4.71 7.40 -32.98
CA LYS A 129 5.97 7.61 -32.26
C LYS A 129 6.73 6.33 -31.89
N TYR A 130 6.05 5.18 -31.84
CA TYR A 130 6.72 3.93 -31.49
C TYR A 130 6.49 2.81 -32.50
N ASP A 131 6.11 3.19 -33.71
CA ASP A 131 6.00 2.23 -34.82
C ASP A 131 5.18 1.00 -34.48
N VAL A 132 4.19 1.15 -33.59
CA VAL A 132 3.32 0.03 -33.27
C VAL A 132 2.26 -0.15 -34.36
N ASP A 133 2.11 -1.40 -34.79
CA ASP A 133 1.03 -1.83 -35.67
C ASP A 133 -0.18 -2.12 -34.80
N THR A 134 -0.22 -3.34 -34.24
CA THR A 134 -1.19 -3.72 -33.22
C THR A 134 -0.50 -4.36 -32.00
N LEU A 135 -1.23 -4.44 -30.89
CA LEU A 135 -0.70 -5.07 -29.68
C LEU A 135 -1.21 -6.50 -29.58
N ASP A 136 -0.38 -7.38 -29.04
CA ASP A 136 -0.79 -8.77 -28.81
C ASP A 136 -1.40 -8.93 -27.42
N MET A 137 -0.94 -8.11 -26.49
CA MET A 137 -1.37 -8.24 -25.10
CA MET A 137 -1.38 -8.24 -25.10
C MET A 137 -1.26 -6.91 -24.37
N VAL A 138 -2.19 -6.65 -23.45
CA VAL A 138 -2.16 -5.49 -22.61
C VAL A 138 -2.36 -5.93 -21.16
N PHE A 139 -1.46 -5.47 -20.29
CA PHE A 139 -1.62 -5.70 -18.87
C PHE A 139 -2.00 -4.37 -18.22
N LEU A 140 -3.19 -4.35 -17.63
CA LEU A 140 -3.73 -3.14 -17.00
C LEU A 140 -3.56 -3.24 -15.52
N ASP A 141 -2.75 -2.36 -14.97
CA ASP A 141 -2.41 -2.44 -13.56
C ASP A 141 -1.92 -1.08 -13.07
N HIS A 142 -2.58 -0.01 -13.53
CA HIS A 142 -2.20 1.33 -13.14
C HIS A 142 -3.11 1.97 -12.07
N TRP A 143 -4.31 2.37 -12.47
CA TRP A 143 -5.27 2.95 -11.54
C TRP A 143 -6.67 2.63 -12.03
N LYS A 144 -7.52 2.18 -11.12
CA LYS A 144 -8.86 1.68 -11.45
C LYS A 144 -9.74 2.57 -12.35
N ASP A 145 -9.68 3.90 -12.16
CA ASP A 145 -10.55 4.81 -12.89
C ASP A 145 -10.19 4.88 -14.37
N ARG A 146 -8.99 4.41 -14.69
CA ARG A 146 -8.50 4.47 -16.06
C ARG A 146 -8.73 3.19 -16.88
N TYR A 147 -9.14 2.10 -16.23
CA TYR A 147 -9.22 0.82 -16.95
C TYR A 147 -10.20 0.90 -18.11
N LEU A 148 -11.41 1.38 -17.83
CA LEU A 148 -12.43 1.49 -18.89
C LEU A 148 -12.04 2.52 -19.96
N PRO A 149 -11.66 3.74 -19.53
CA PRO A 149 -11.35 4.70 -20.60
C PRO A 149 -10.09 4.35 -21.41
N ASP A 150 -9.08 3.74 -20.77
CA ASP A 150 -7.89 3.32 -21.52
C ASP A 150 -8.18 2.17 -22.49
N THR A 151 -9.12 1.30 -22.12
CA THR A 151 -9.53 0.20 -23.01
C THR A 151 -10.23 0.74 -24.27
N LEU A 152 -11.13 1.71 -24.08
CA LEU A 152 -11.85 2.29 -25.21
C LEU A 152 -10.88 3.11 -26.06
N LEU A 153 -9.92 3.73 -25.40
CA LEU A 153 -8.90 4.49 -26.08
C LEU A 153 -8.02 3.59 -26.95
N LEU A 154 -7.74 2.37 -26.46
CA LEU A 154 -6.92 1.41 -27.22
C LEU A 154 -7.67 1.00 -28.47
N GLU A 155 -8.96 0.70 -28.31
CA GLU A 155 -9.83 0.37 -29.43
C GLU A 155 -9.95 1.51 -30.45
N LYS A 156 -10.16 2.73 -29.95
CA LYS A 156 -10.34 3.87 -30.84
C LYS A 156 -9.10 4.12 -31.69
N CYS A 157 -7.93 3.89 -31.09
CA CYS A 157 -6.66 4.09 -31.78
C CYS A 157 -6.30 2.93 -32.71
N GLY A 158 -7.11 1.88 -32.72
CA GLY A 158 -6.91 0.73 -33.58
C GLY A 158 -5.74 -0.16 -33.15
N LEU A 159 -5.44 -0.15 -31.86
CA LEU A 159 -4.32 -0.92 -31.34
C LEU A 159 -4.67 -2.36 -30.97
N LEU A 160 -5.96 -2.68 -30.89
CA LEU A 160 -6.33 -4.06 -30.60
C LEU A 160 -6.75 -4.76 -31.88
N ARG A 161 -6.47 -6.06 -31.95
CA ARG A 161 -6.86 -6.86 -33.10
C ARG A 161 -7.58 -8.10 -32.61
N LYS A 162 -8.22 -8.82 -33.52
CA LYS A 162 -8.84 -10.07 -33.17
C LYS A 162 -7.80 -10.96 -32.48
N GLY A 163 -8.04 -11.30 -31.21
CA GLY A 163 -7.11 -12.13 -30.49
C GLY A 163 -6.28 -11.41 -29.44
N THR A 164 -6.28 -10.07 -29.47
CA THR A 164 -5.54 -9.31 -28.45
C THR A 164 -6.08 -9.68 -27.07
N VAL A 165 -5.16 -10.03 -26.17
CA VAL A 165 -5.49 -10.41 -24.80
C VAL A 165 -5.34 -9.20 -23.88
N LEU A 166 -6.42 -8.84 -23.16
CA LEU A 166 -6.31 -7.87 -22.08
C LEU A 166 -6.29 -8.65 -20.78
N LEU A 167 -5.41 -8.27 -19.87
CA LEU A 167 -5.28 -8.92 -18.60
C LEU A 167 -5.29 -7.79 -17.59
N ALA A 168 -6.30 -7.79 -16.72
CA ALA A 168 -6.48 -6.67 -15.80
C ALA A 168 -6.27 -7.16 -14.38
N ASP A 169 -5.44 -6.44 -13.63
CA ASP A 169 -5.22 -6.76 -12.23
C ASP A 169 -6.25 -6.05 -11.36
N ASN A 170 -6.52 -6.62 -10.19
CA ASN A 170 -7.28 -5.94 -9.16
C ASN A 170 -8.72 -5.70 -9.54
N VAL A 171 -9.29 -6.60 -10.34
CA VAL A 171 -10.67 -6.39 -10.73
C VAL A 171 -11.64 -6.68 -9.57
N ILE A 172 -11.12 -7.26 -8.49
CA ILE A 172 -11.95 -7.46 -7.29
C ILE A 172 -11.58 -6.50 -6.15
N VAL A 173 -10.28 -6.37 -5.89
CA VAL A 173 -9.77 -5.43 -4.88
C VAL A 173 -8.60 -4.66 -5.46
N PRO A 174 -8.70 -3.31 -5.53
CA PRO A 174 -9.78 -2.42 -5.06
C PRO A 174 -11.10 -2.61 -5.82
N GLY A 175 -11.02 -3.27 -6.99
CA GLY A 175 -12.20 -3.55 -7.78
C GLY A 175 -12.40 -2.59 -8.93
N THR A 176 -12.81 -3.13 -10.07
CA THR A 176 -13.04 -2.32 -11.26
C THR A 176 -14.39 -2.70 -11.91
N PRO A 177 -15.50 -2.34 -11.25
CA PRO A 177 -16.82 -2.77 -11.71
C PRO A 177 -17.16 -2.26 -13.10
N ASP A 178 -16.77 -1.02 -13.41
CA ASP A 178 -17.09 -0.45 -14.72
C ASP A 178 -16.38 -1.19 -15.87
N PHE A 179 -15.09 -1.47 -15.71
CA PHE A 179 -14.33 -2.26 -16.69
C PHE A 179 -14.95 -3.64 -16.87
N LEU A 180 -15.29 -4.28 -15.75
CA LEU A 180 -15.92 -5.61 -15.77
C LEU A 180 -17.27 -5.56 -16.46
N ALA A 181 -18.06 -4.53 -16.17
CA ALA A 181 -19.36 -4.38 -16.79
C ALA A 181 -19.14 -4.34 -18.30
N TYR A 182 -18.12 -3.59 -18.71
CA TYR A 182 -17.80 -3.44 -20.13
C TYR A 182 -17.36 -4.73 -20.84
N VAL A 183 -16.24 -5.32 -20.43
CA VAL A 183 -15.73 -6.51 -21.13
C VAL A 183 -16.72 -7.67 -21.06
N ARG A 184 -17.37 -7.84 -19.91
CA ARG A 184 -18.35 -8.91 -19.74
C ARG A 184 -19.67 -8.69 -20.48
N GLY A 185 -20.05 -7.44 -20.71
CA GLY A 185 -21.33 -7.16 -21.33
C GLY A 185 -21.22 -6.97 -22.83
N SER A 186 -19.99 -6.82 -23.31
CA SER A 186 -19.76 -6.44 -24.70
C SER A 186 -19.38 -7.63 -25.57
N SER A 187 -20.02 -7.71 -26.75
CA SER A 187 -19.75 -8.80 -27.69
C SER A 187 -18.33 -8.72 -28.28
N SER A 188 -17.67 -7.58 -28.08
CA SER A 188 -16.30 -7.40 -28.57
C SER A 188 -15.27 -8.16 -27.73
N PHE A 189 -15.70 -8.77 -26.63
CA PHE A 189 -14.76 -9.46 -25.75
C PHE A 189 -15.26 -10.83 -25.29
N GLU A 190 -14.34 -11.80 -25.27
CA GLU A 190 -14.56 -13.08 -24.58
C GLU A 190 -13.73 -13.07 -23.30
N CYS A 191 -14.37 -13.36 -22.16
CA CYS A 191 -13.76 -13.15 -20.86
C CYS A 191 -13.59 -14.39 -19.99
N THR A 192 -12.55 -14.38 -19.16
CA THR A 192 -12.33 -15.44 -18.19
C THR A 192 -11.87 -14.77 -16.91
N HIS A 193 -12.50 -15.11 -15.79
CA HIS A 193 -12.03 -14.62 -14.49
C HIS A 193 -11.04 -15.59 -13.84
N TYR A 194 -9.94 -15.08 -13.32
CA TYR A 194 -8.97 -15.90 -12.61
C TYR A 194 -8.91 -15.48 -11.15
N SER A 195 -9.55 -16.26 -10.28
CA SER A 195 -9.56 -15.94 -8.86
C SER A 195 -8.22 -16.27 -8.19
N SER A 196 -7.73 -15.35 -7.38
CA SER A 196 -6.45 -15.53 -6.69
C SER A 196 -6.44 -14.75 -5.39
N TYR A 197 -5.26 -14.23 -5.03
CA TYR A 197 -5.13 -13.46 -3.79
C TYR A 197 -4.43 -12.14 -4.03
N LEU A 198 -4.85 -11.12 -3.26
CA LEU A 198 -4.19 -9.83 -3.25
C LEU A 198 -2.72 -10.06 -2.90
N GLU A 199 -1.82 -9.40 -3.62
CA GLU A 199 -0.39 -9.61 -3.41
C GLU A 199 0.00 -9.58 -1.94
N TYR A 200 0.63 -10.67 -1.49
CA TYR A 200 1.24 -10.78 -0.15
C TYR A 200 0.20 -10.74 0.95
N MET A 201 -1.06 -10.98 0.58
CA MET A 201 -2.19 -11.02 1.54
C MET A 201 -3.03 -12.28 1.34
N LYS A 202 -4.00 -12.49 2.23
CA LYS A 202 -4.92 -13.62 2.16
C LYS A 202 -6.31 -13.16 1.73
N VAL A 203 -6.39 -11.90 1.36
CA VAL A 203 -7.59 -11.30 0.84
C VAL A 203 -7.79 -11.77 -0.60
N VAL A 204 -9.02 -12.16 -0.95
CA VAL A 204 -9.30 -12.57 -2.32
C VAL A 204 -9.25 -11.40 -3.32
N ASP A 205 -8.57 -11.61 -4.44
CA ASP A 205 -8.58 -10.65 -5.54
C ASP A 205 -8.53 -11.50 -6.80
N GLY A 206 -8.47 -10.89 -7.97
CA GLY A 206 -8.43 -11.71 -9.17
C GLY A 206 -7.97 -10.93 -10.39
N LEU A 207 -7.69 -11.65 -11.47
CA LEU A 207 -7.36 -11.04 -12.74
C LEU A 207 -8.51 -11.35 -13.68
N GLU A 208 -8.72 -10.48 -14.65
CA GLU A 208 -9.68 -10.78 -15.69
C GLU A 208 -8.91 -10.83 -17.00
N LYS A 209 -9.15 -11.88 -17.77
CA LYS A 209 -8.60 -11.99 -19.11
C LYS A 209 -9.75 -11.70 -20.07
N ALA A 210 -9.59 -10.69 -20.89
CA ALA A 210 -10.65 -10.32 -21.83
C ALA A 210 -10.00 -10.31 -23.20
N ILE A 211 -10.46 -11.21 -24.08
CA ILE A 211 -9.87 -11.32 -25.41
C ILE A 211 -10.72 -10.60 -26.46
N TYR A 212 -10.12 -9.60 -27.10
CA TYR A 212 -10.82 -8.80 -28.08
C TYR A 212 -11.21 -9.65 -29.29
N GLN A 213 -12.45 -9.51 -29.74
CA GLN A 213 -12.97 -10.27 -30.87
C GLN A 213 -13.10 -9.37 -32.08
N GLY A 214 -12.79 -8.09 -31.89
CA GLY A 214 -12.88 -7.09 -32.93
C GLY A 214 -14.32 -6.63 -33.16
N PRO A 215 -14.54 -5.89 -34.26
CA PRO A 215 -15.90 -5.80 -34.82
C PRO A 215 -16.27 -7.08 -35.60
N GLY B 2 9.71 15.77 -8.27
CA GLY B 2 9.75 14.34 -8.00
C GLY B 2 9.48 14.01 -6.55
N ASP B 3 8.37 14.53 -6.01
CA ASP B 3 8.04 14.25 -4.62
C ASP B 3 7.65 12.78 -4.42
N THR B 4 8.04 12.22 -3.28
CA THR B 4 7.66 10.87 -2.89
C THR B 4 6.14 10.79 -2.67
N LYS B 5 5.62 9.59 -2.44
CA LYS B 5 4.18 9.48 -2.21
C LYS B 5 3.76 10.29 -0.98
N GLU B 6 4.56 10.20 0.08
CA GLU B 6 4.21 10.89 1.33
C GLU B 6 4.25 12.39 1.12
N GLN B 7 5.17 12.86 0.27
CA GLN B 7 5.22 14.27 -0.10
C GLN B 7 4.01 14.66 -0.96
N ARG B 8 3.57 13.77 -1.85
CA ARG B 8 2.38 14.09 -2.64
C ARG B 8 1.16 14.30 -1.75
N ILE B 9 1.04 13.46 -0.72
CA ILE B 9 -0.07 13.54 0.21
C ILE B 9 0.01 14.82 1.03
N LEU B 10 1.20 15.14 1.54
CA LEU B 10 1.39 16.36 2.31
C LEU B 10 1.09 17.60 1.46
N ARG B 11 1.58 17.61 0.24
CA ARG B 11 1.34 18.77 -0.61
C ARG B 11 -0.15 18.92 -0.92
N TYR B 12 -0.84 17.80 -1.07
CA TYR B 12 -2.27 17.87 -1.35
C TYR B 12 -2.98 18.54 -0.18
N VAL B 13 -2.62 18.15 1.04
CA VAL B 13 -3.17 18.75 2.25
C VAL B 13 -2.87 20.26 2.34
N GLN B 14 -1.61 20.63 2.10
CA GLN B 14 -1.15 22.02 2.21
C GLN B 14 -1.79 22.92 1.15
N GLN B 15 -2.20 22.34 0.02
CA GLN B 15 -2.86 23.12 -1.02
C GLN B 15 -4.39 23.17 -0.87
N ASN B 16 -4.98 22.16 -0.23
CA ASN B 16 -6.43 22.01 -0.23
C ASN B 16 -7.11 22.11 1.13
N ALA B 17 -6.49 21.58 2.18
CA ALA B 17 -7.08 21.60 3.51
C ALA B 17 -7.12 23.02 4.08
N LYS B 18 -8.13 23.28 4.91
CA LYS B 18 -8.25 24.53 5.64
C LYS B 18 -7.11 24.63 6.65
N PRO B 19 -6.25 25.66 6.53
CA PRO B 19 -5.12 25.79 7.46
C PRO B 19 -5.57 25.79 8.91
N GLY B 20 -4.86 25.04 9.75
CA GLY B 20 -5.15 24.97 11.18
C GLY B 20 -6.40 24.21 11.58
N ASP B 21 -6.99 23.49 10.61
CA ASP B 21 -8.25 22.76 10.83
C ASP B 21 -8.01 21.26 10.69
N PRO B 22 -7.89 20.53 11.83
CA PRO B 22 -7.60 19.09 11.83
C PRO B 22 -8.61 18.26 11.06
N GLN B 23 -9.90 18.50 11.26
CA GLN B 23 -10.92 17.76 10.53
C GLN B 23 -10.75 17.93 9.00
N SER B 24 -10.41 19.14 8.57
CA SER B 24 -10.19 19.42 7.14
C SER B 24 -8.96 18.71 6.59
N VAL B 25 -7.91 18.60 7.41
CA VAL B 25 -6.70 17.89 7.03
C VAL B 25 -7.08 16.43 6.80
N LEU B 26 -7.75 15.84 7.79
CA LEU B 26 -8.19 14.46 7.66
C LEU B 26 -9.01 14.23 6.39
N GLU B 27 -9.98 15.10 6.15
CA GLU B 27 -10.82 14.97 4.95
C GLU B 27 -9.98 15.05 3.69
N ALA B 28 -9.02 15.98 3.65
CA ALA B 28 -8.15 16.10 2.47
C ALA B 28 -7.31 14.83 2.19
N ILE B 29 -6.75 14.22 3.23
CA ILE B 29 -5.98 12.97 3.07
C ILE B 29 -6.93 11.88 2.57
N ASP B 30 -8.12 11.80 3.18
CA ASP B 30 -9.12 10.81 2.79
C ASP B 30 -9.45 10.91 1.30
N THR B 31 -9.67 12.13 0.86
CA THR B 31 -9.98 12.42 -0.54
C THR B 31 -8.84 12.00 -1.47
N TYR B 32 -7.62 12.36 -1.10
CA TYR B 32 -6.44 12.02 -1.91
C TYR B 32 -6.27 10.52 -2.06
N CYS B 33 -6.47 9.79 -0.96
CA CYS B 33 -6.24 8.36 -0.96
C CYS B 33 -7.35 7.59 -1.66
N THR B 34 -8.54 8.17 -1.68
CA THR B 34 -9.68 7.55 -2.37
C THR B 34 -9.66 7.83 -3.88
N GLN B 35 -9.26 9.04 -4.26
CA GLN B 35 -9.37 9.49 -5.66
C GLN B 35 -8.09 9.42 -6.51
N LYS B 36 -6.93 9.45 -5.87
CA LYS B 36 -5.68 9.62 -6.61
C LYS B 36 -4.69 8.48 -6.43
N GLU B 37 -4.38 8.16 -5.16
CA GLU B 37 -3.52 7.03 -4.88
C GLU B 37 -3.67 6.56 -3.44
N TRP B 38 -3.80 5.25 -3.27
CA TRP B 38 -3.97 4.67 -1.94
C TRP B 38 -2.76 4.86 -1.00
N ALA B 39 -3.03 5.02 0.29
CA ALA B 39 -1.99 4.99 1.30
C ALA B 39 -2.55 4.37 2.57
N MET B 40 -1.67 3.81 3.39
CA MET B 40 -2.11 3.02 4.55
C MET B 40 -2.40 3.85 5.80
N ASN B 41 -3.08 4.99 5.64
CA ASN B 41 -3.64 5.71 6.80
C ASN B 41 -4.73 4.84 7.45
N VAL B 42 -4.99 5.01 8.75
CA VAL B 42 -6.04 4.21 9.39
C VAL B 42 -7.41 4.46 8.74
N GLY B 43 -7.62 5.64 8.16
CA GLY B 43 -8.81 5.89 7.38
C GLY B 43 -10.03 6.37 8.16
N ASP B 44 -11.10 6.67 7.42
CA ASP B 44 -12.29 7.26 8.02
C ASP B 44 -13.13 6.27 8.82
N ALA B 45 -13.37 5.09 8.26
CA ALA B 45 -14.17 4.06 8.92
C ALA B 45 -13.57 3.61 10.26
N LYS B 46 -12.33 3.14 10.22
CA LYS B 46 -11.66 2.71 11.45
C LYS B 46 -11.30 3.91 12.32
N GLY B 47 -11.14 5.07 11.69
CA GLY B 47 -10.83 6.30 12.40
C GLY B 47 -11.93 6.72 13.36
N GLN B 48 -13.18 6.56 12.92
CA GLN B 48 -14.32 6.86 13.79
C GLN B 48 -14.37 5.94 15.01
N ILE B 49 -13.94 4.70 14.86
CA ILE B 49 -13.81 3.79 16.01
C ILE B 49 -12.72 4.31 16.95
N MET B 50 -11.57 4.64 16.38
CA MET B 50 -10.47 5.24 17.13
CA MET B 50 -10.47 5.23 17.14
C MET B 50 -10.94 6.48 17.88
N ASP B 51 -11.71 7.33 17.20
CA ASP B 51 -12.25 8.55 17.83
C ASP B 51 -13.03 8.20 19.11
N ALA B 52 -13.91 7.20 18.99
CA ALA B 52 -14.79 6.79 20.08
C ALA B 52 -14.01 6.26 21.29
N VAL B 53 -12.91 5.56 21.03
CA VAL B 53 -12.04 5.09 22.11
C VAL B 53 -11.43 6.28 22.84
N ILE B 54 -10.88 7.22 22.09
CA ILE B 54 -10.30 8.43 22.69
C ILE B 54 -11.35 9.18 23.52
N ARG B 55 -12.54 9.36 22.98
CA ARG B 55 -13.61 10.06 23.72
C ARG B 55 -14.01 9.32 24.99
N GLU B 56 -14.11 8.00 24.88
CA GLU B 56 -14.50 7.21 26.04
C GLU B 56 -13.48 7.31 27.17
N TYR B 57 -12.20 7.09 26.86
CA TYR B 57 -11.20 6.94 27.90
C TYR B 57 -10.48 8.22 28.33
N SER B 58 -10.51 9.25 27.49
CA SER B 58 -9.83 10.53 27.80
C SER B 58 -8.39 10.32 28.30
N PRO B 59 -7.57 9.61 27.51
CA PRO B 59 -6.20 9.35 27.97
C PRO B 59 -5.37 10.62 28.12
N SER B 60 -4.61 10.73 29.21
CA SER B 60 -3.73 11.88 29.42
C SER B 60 -2.40 11.74 28.66
N LEU B 61 -1.99 10.50 28.44
CA LEU B 61 -0.78 10.24 27.67
C LEU B 61 -0.99 9.05 26.75
N VAL B 62 -0.80 9.29 25.47
CA VAL B 62 -1.02 8.25 24.46
C VAL B 62 0.29 7.97 23.75
N LEU B 63 0.51 6.70 23.40
CA LEU B 63 1.67 6.33 22.59
C LEU B 63 1.17 5.70 21.31
N GLU B 64 1.64 6.22 20.18
CA GLU B 64 1.32 5.61 18.89
C GLU B 64 2.56 4.96 18.30
N LEU B 65 2.41 3.73 17.80
CA LEU B 65 3.50 3.03 17.13
C LEU B 65 3.20 3.02 15.62
N GLY B 66 4.03 3.73 14.86
CA GLY B 66 3.82 3.93 13.44
C GLY B 66 3.09 5.23 13.11
N ALA B 67 3.84 6.26 12.70
CA ALA B 67 3.25 7.59 12.39
C ALA B 67 2.89 7.77 10.92
N TYR B 68 3.77 7.31 10.03
CA TYR B 68 3.61 7.49 8.59
C TYR B 68 3.50 8.97 8.21
N CYS B 69 2.33 9.41 7.74
CA CYS B 69 2.14 10.82 7.35
C CYS B 69 1.48 11.67 8.43
N GLY B 70 1.08 11.05 9.54
CA GLY B 70 0.55 11.80 10.65
C GLY B 70 -0.97 11.76 10.71
N TYR B 71 -1.58 11.03 9.79
CA TYR B 71 -3.03 10.92 9.78
C TYR B 71 -3.60 10.55 11.14
N SER B 72 -3.20 9.42 11.69
CA SER B 72 -3.76 8.98 12.97
C SER B 72 -3.32 9.86 14.14
N ALA B 73 -2.13 10.47 14.04
CA ALA B 73 -1.69 11.41 15.07
C ALA B 73 -2.59 12.64 15.11
N VAL B 74 -2.91 13.19 13.94
CA VAL B 74 -3.85 14.30 13.85
C VAL B 74 -5.21 13.85 14.40
N ARG B 75 -5.62 12.66 14.00
CA ARG B 75 -6.92 12.16 14.37
C ARG B 75 -7.08 12.11 15.89
N MET B 76 -6.08 11.55 16.57
CA MET B 76 -6.16 11.40 18.03
C MET B 76 -5.93 12.73 18.73
N ALA B 77 -4.91 13.46 18.29
CA ALA B 77 -4.53 14.71 18.96
C ALA B 77 -5.65 15.74 18.96
N ARG B 78 -6.48 15.73 17.93
CA ARG B 78 -7.57 16.70 17.85
C ARG B 78 -8.63 16.40 18.89
N LEU B 79 -8.59 15.19 19.47
CA LEU B 79 -9.59 14.77 20.45
C LEU B 79 -9.11 14.79 21.90
N LEU B 80 -7.80 15.01 22.08
CA LEU B 80 -7.22 15.01 23.41
C LEU B 80 -7.71 16.18 24.25
N GLN B 81 -7.86 15.96 25.54
CA GLN B 81 -8.20 17.05 26.44
C GLN B 81 -7.01 18.00 26.56
N PRO B 82 -7.27 19.25 26.98
CA PRO B 82 -6.19 20.20 27.27
C PRO B 82 -5.10 19.57 28.17
N GLY B 83 -3.84 19.77 27.81
CA GLY B 83 -2.74 19.25 28.60
C GLY B 83 -2.40 17.78 28.34
N ALA B 84 -3.30 17.05 27.69
CA ALA B 84 -3.01 15.68 27.30
C ALA B 84 -2.03 15.66 26.12
N ARG B 85 -1.22 14.61 26.05
CA ARG B 85 -0.15 14.52 25.07
C ARG B 85 -0.13 13.19 24.33
N LEU B 86 0.39 13.21 23.11
CA LEU B 86 0.56 12.01 22.31
C LEU B 86 2.04 11.89 21.99
N LEU B 87 2.59 10.69 22.17
CA LEU B 87 3.95 10.38 21.72
C LEU B 87 3.79 9.47 20.52
N THR B 88 4.51 9.75 19.45
CA THR B 88 4.43 8.87 18.30
C THR B 88 5.81 8.39 17.83
N MET B 89 5.95 7.08 17.70
CA MET B 89 7.22 6.46 17.32
C MET B 89 7.24 6.14 15.84
N GLU B 90 8.28 6.57 15.15
CA GLU B 90 8.36 6.36 13.71
C GLU B 90 9.79 6.06 13.28
N ILE B 91 9.96 4.90 12.66
CA ILE B 91 11.28 4.35 12.33
C ILE B 91 11.92 5.06 11.12
N ASN B 92 11.08 5.59 10.24
CA ASN B 92 11.56 6.22 9.01
C ASN B 92 11.66 7.74 9.15
N PRO B 93 12.88 8.30 9.01
CA PRO B 93 13.09 9.75 9.22
C PRO B 93 12.32 10.65 8.25
N ASP B 94 12.12 10.19 7.02
CA ASP B 94 11.37 10.97 6.06
C ASP B 94 9.88 11.04 6.43
N CYS B 95 9.36 9.92 6.95
CA CYS B 95 7.97 9.89 7.43
C CYS B 95 7.85 10.76 8.68
N ALA B 96 8.86 10.74 9.52
CA ALA B 96 8.83 11.56 10.74
C ALA B 96 8.78 13.06 10.39
N ALA B 97 9.53 13.46 9.36
CA ALA B 97 9.52 14.84 8.89
C ALA B 97 8.18 15.27 8.24
N ILE B 98 7.55 14.36 7.49
CA ILE B 98 6.25 14.64 6.89
C ILE B 98 5.22 14.80 7.99
N THR B 99 5.25 13.87 8.95
CA THR B 99 4.34 13.92 10.08
C THR B 99 4.48 15.26 10.83
N GLN B 100 5.71 15.71 11.06
CA GLN B 100 5.89 17.00 11.71
C GLN B 100 5.22 18.14 10.94
N GLN B 101 5.40 18.18 9.61
CA GLN B 101 4.77 19.20 8.80
C GLN B 101 3.25 19.10 8.83
N MET B 102 2.73 17.88 8.86
CA MET B 102 1.29 17.68 8.88
C MET B 102 0.72 18.22 10.18
N LEU B 103 1.40 17.93 11.30
CA LEU B 103 0.98 18.44 12.59
C LEU B 103 1.02 19.97 12.60
N ASN B 104 2.07 20.57 12.03
CA ASN B 104 2.17 22.03 11.92
C ASN B 104 0.97 22.59 11.15
N PHE B 105 0.65 21.99 10.00
CA PHE B 105 -0.48 22.46 9.20
C PHE B 105 -1.83 22.35 9.91
N ALA B 106 -2.01 21.28 10.70
CA ALA B 106 -3.26 21.05 11.41
C ALA B 106 -3.37 21.91 12.69
N GLY B 107 -2.26 22.50 13.09
CA GLY B 107 -2.17 23.25 14.33
C GLY B 107 -2.00 22.41 15.58
N LEU B 108 -1.60 21.15 15.43
CA LEU B 108 -1.57 20.23 16.57
C LEU B 108 -0.17 19.88 17.12
N GLN B 109 0.86 20.57 16.64
CA GLN B 109 2.25 20.25 16.98
C GLN B 109 2.56 20.33 18.47
N ASP B 110 1.79 21.12 19.22
CA ASP B 110 2.05 21.28 20.65
C ASP B 110 1.60 20.10 21.49
N LYS B 111 0.68 19.31 20.93
CA LYS B 111 0.12 18.15 21.63
C LYS B 111 0.86 16.86 21.31
N VAL B 112 1.76 16.91 20.35
CA VAL B 112 2.41 15.71 19.83
C VAL B 112 3.93 15.80 19.83
N THR B 113 4.56 14.73 20.32
CA THR B 113 6.01 14.58 20.28
C THR B 113 6.38 13.39 19.41
N ILE B 114 7.11 13.67 18.33
CA ILE B 114 7.55 12.62 17.42
C ILE B 114 8.92 12.07 17.84
N LEU B 115 8.94 10.75 18.05
CA LEU B 115 10.17 10.05 18.42
C LEU B 115 10.70 9.24 17.25
N ASN B 116 11.91 9.58 16.80
CA ASN B 116 12.57 8.90 15.70
C ASN B 116 13.30 7.64 16.13
N GLY B 117 12.81 6.47 15.72
CA GLY B 117 13.47 5.22 16.00
C GLY B 117 12.52 4.04 15.84
N ALA B 118 13.05 2.84 15.93
CA ALA B 118 12.28 1.61 15.99
C ALA B 118 11.60 1.52 17.35
N SER B 119 10.34 1.10 17.36
CA SER B 119 9.63 0.90 18.62
C SER B 119 10.37 -0.06 19.59
N GLN B 120 10.96 -1.14 19.07
CA GLN B 120 11.62 -2.09 19.97
C GLN B 120 12.83 -1.48 20.68
N ASP B 121 13.42 -0.45 20.07
CA ASP B 121 14.54 0.25 20.70
C ASP B 121 14.09 1.42 21.59
N LEU B 122 13.01 2.08 21.19
CA LEU B 122 12.54 3.28 21.89
C LEU B 122 11.75 2.97 23.15
N ILE B 123 10.97 1.89 23.11
CA ILE B 123 10.13 1.54 24.27
C ILE B 123 10.94 1.33 25.56
N PRO B 124 12.09 0.62 25.48
CA PRO B 124 12.88 0.44 26.71
C PRO B 124 13.51 1.74 27.24
N GLN B 125 13.52 2.80 26.44
CA GLN B 125 14.06 4.09 26.87
C GLN B 125 13.00 5.05 27.41
N LEU B 126 11.74 4.64 27.39
CA LEU B 126 10.65 5.53 27.77
C LEU B 126 10.72 5.98 29.23
N LYS B 127 10.97 5.05 30.15
CA LYS B 127 11.02 5.36 31.58
C LYS B 127 12.13 6.36 31.88
N LYS B 128 13.32 6.08 31.36
CA LYS B 128 14.51 6.87 31.69
C LYS B 128 14.65 8.10 30.82
N LYS B 129 15.01 7.87 29.56
CA LYS B 129 15.26 8.95 28.63
C LYS B 129 14.06 9.89 28.47
N TYR B 130 12.86 9.33 28.33
CA TYR B 130 11.68 10.16 28.09
C TYR B 130 10.81 10.40 29.31
N ASP B 131 11.32 10.05 30.49
CA ASP B 131 10.65 10.41 31.73
C ASP B 131 9.16 9.98 31.80
N VAL B 132 8.79 8.92 31.08
CA VAL B 132 7.42 8.41 31.16
C VAL B 132 7.24 7.51 32.39
N ASP B 133 6.09 7.61 33.05
CA ASP B 133 5.75 6.64 34.10
C ASP B 133 4.91 5.51 33.53
N THR B 134 3.63 5.76 33.32
CA THR B 134 2.76 4.82 32.62
C THR B 134 2.05 5.48 31.46
N LEU B 135 1.58 4.65 30.53
CA LEU B 135 0.80 5.11 29.39
C LEU B 135 -0.69 4.86 29.67
N ASP B 136 -1.53 5.77 29.20
CA ASP B 136 -2.99 5.60 29.32
C ASP B 136 -3.55 4.84 28.14
N MET B 137 -2.92 5.00 27.00
CA MET B 137 -3.39 4.32 25.80
C MET B 137 -2.23 4.10 24.86
N VAL B 138 -2.28 2.99 24.12
CA VAL B 138 -1.31 2.72 23.08
C VAL B 138 -2.04 2.38 21.80
N PHE B 139 -1.68 3.04 20.70
CA PHE B 139 -2.21 2.66 19.39
C PHE B 139 -1.12 1.91 18.59
N LEU B 140 -1.41 0.67 18.23
CA LEU B 140 -0.45 -0.20 17.53
C LEU B 140 -0.82 -0.27 16.07
N ASP B 141 0.06 0.26 15.21
CA ASP B 141 -0.25 0.41 13.79
C ASP B 141 1.03 0.53 12.95
N HIS B 142 2.06 -0.23 13.34
CA HIS B 142 3.34 -0.19 12.65
C HIS B 142 3.59 -1.36 11.69
N TRP B 143 3.96 -2.51 12.24
CA TRP B 143 4.19 -3.70 11.41
C TRP B 143 3.73 -4.94 12.17
N LYS B 144 3.00 -5.80 11.48
CA LYS B 144 2.30 -6.89 12.14
C LYS B 144 3.21 -7.73 13.04
N ASP B 145 4.40 -8.05 12.55
CA ASP B 145 5.32 -8.91 13.31
C ASP B 145 5.76 -8.31 14.65
N ARG B 146 5.55 -6.99 14.84
CA ARG B 146 6.01 -6.32 16.04
C ARG B 146 4.95 -6.19 17.14
N TYR B 147 3.68 -6.45 16.81
CA TYR B 147 2.57 -6.22 17.76
C TYR B 147 2.71 -7.01 19.06
N LEU B 148 2.94 -8.32 18.94
CA LEU B 148 3.03 -9.14 20.14
C LEU B 148 4.28 -8.81 20.96
N PRO B 149 5.48 -8.86 20.34
CA PRO B 149 6.64 -8.53 21.16
C PRO B 149 6.61 -7.11 21.73
N ASP B 150 6.11 -6.12 20.99
CA ASP B 150 6.03 -4.76 21.55
C ASP B 150 5.04 -4.67 22.72
N THR B 151 3.91 -5.37 22.63
CA THR B 151 3.01 -5.46 23.76
C THR B 151 3.67 -6.05 25.01
N LEU B 152 4.32 -7.20 24.84
CA LEU B 152 5.06 -7.83 25.94
C LEU B 152 6.18 -6.90 26.42
N LEU B 153 6.84 -6.21 25.50
CA LEU B 153 7.88 -5.26 25.89
C LEU B 153 7.31 -4.15 26.79
N LEU B 154 6.17 -3.59 26.39
CA LEU B 154 5.51 -2.56 27.21
C LEU B 154 5.17 -3.10 28.60
N GLU B 155 4.63 -4.32 28.65
CA GLU B 155 4.30 -4.95 29.93
C GLU B 155 5.50 -5.19 30.82
N LYS B 156 6.56 -5.72 30.23
CA LYS B 156 7.81 -6.05 30.92
C LYS B 156 8.41 -4.77 31.51
N CYS B 157 8.38 -3.69 30.74
CA CYS B 157 8.98 -2.42 31.17
C CYS B 157 8.11 -1.64 32.17
N GLY B 158 6.99 -2.23 32.58
CA GLY B 158 6.07 -1.56 33.49
C GLY B 158 5.49 -0.27 32.96
N LEU B 159 5.27 -0.20 31.66
CA LEU B 159 4.72 1.03 31.08
C LEU B 159 3.18 1.04 31.07
N LEU B 160 2.57 -0.07 31.44
CA LEU B 160 1.11 -0.15 31.44
C LEU B 160 0.60 -0.19 32.86
N ARG B 161 -0.59 0.37 33.07
CA ARG B 161 -1.24 0.28 34.37
C ARG B 161 -2.65 -0.29 34.22
N LYS B 162 -3.29 -0.65 35.33
CA LYS B 162 -4.64 -1.18 35.25
C LYS B 162 -5.56 -0.14 34.61
N GLY B 163 -6.17 -0.50 33.49
CA GLY B 163 -7.05 0.39 32.77
C GLY B 163 -6.44 0.96 31.51
N THR B 164 -5.14 0.74 31.33
CA THR B 164 -4.49 1.15 30.08
C THR B 164 -5.15 0.44 28.90
N VAL B 165 -5.47 1.22 27.88
CA VAL B 165 -6.13 0.73 26.67
C VAL B 165 -5.12 0.54 25.54
N LEU B 166 -5.03 -0.69 25.03
CA LEU B 166 -4.31 -0.97 23.79
C LEU B 166 -5.33 -1.03 22.66
N LEU B 167 -5.03 -0.34 21.56
CA LEU B 167 -5.89 -0.36 20.38
C LEU B 167 -4.97 -0.76 19.23
N ALA B 168 -5.31 -1.86 18.55
CA ALA B 168 -4.46 -2.38 17.48
C ALA B 168 -5.18 -2.34 16.14
N ASP B 169 -4.57 -1.73 15.14
CA ASP B 169 -5.12 -1.72 13.79
C ASP B 169 -4.71 -2.99 13.02
N ASN B 170 -5.55 -3.37 12.06
CA ASN B 170 -5.23 -4.44 11.10
C ASN B 170 -5.12 -5.84 11.70
N VAL B 171 -5.90 -6.13 12.73
CA VAL B 171 -5.79 -7.46 13.32
C VAL B 171 -6.40 -8.53 12.42
N ILE B 172 -7.06 -8.11 11.34
CA ILE B 172 -7.64 -9.06 10.38
C ILE B 172 -6.87 -9.06 9.06
N VAL B 173 -6.64 -7.86 8.55
CA VAL B 173 -5.85 -7.64 7.33
C VAL B 173 -4.86 -6.52 7.58
N PRO B 174 -3.54 -6.82 7.47
CA PRO B 174 -2.94 -8.10 7.09
C PRO B 174 -3.14 -9.21 8.12
N GLY B 175 -3.52 -8.85 9.33
CA GLY B 175 -3.79 -9.85 10.35
C GLY B 175 -2.66 -9.96 11.37
N THR B 176 -3.03 -10.10 12.65
CA THR B 176 -2.05 -10.32 13.72
C THR B 176 -2.52 -11.46 14.63
N PRO B 177 -2.59 -12.68 14.09
CA PRO B 177 -3.18 -13.81 14.83
C PRO B 177 -2.46 -14.13 16.16
N ASP B 178 -1.13 -14.06 16.14
CA ASP B 178 -0.32 -14.26 17.35
C ASP B 178 -0.62 -13.24 18.45
N PHE B 179 -0.70 -11.96 18.07
CA PHE B 179 -1.06 -10.91 19.03
C PHE B 179 -2.47 -11.15 19.58
N LEU B 180 -3.41 -11.51 18.71
CA LEU B 180 -4.77 -11.79 19.15
C LEU B 180 -4.85 -12.98 20.07
N ALA B 181 -4.15 -14.07 19.72
CA ALA B 181 -4.12 -15.24 20.57
C ALA B 181 -3.60 -14.86 21.97
N TYR B 182 -2.55 -14.04 22.02
CA TYR B 182 -2.07 -13.57 23.30
C TYR B 182 -3.08 -12.77 24.11
N VAL B 183 -3.55 -11.65 23.55
CA VAL B 183 -4.37 -10.76 24.37
C VAL B 183 -5.70 -11.41 24.74
N ARG B 184 -6.29 -12.18 23.83
CA ARG B 184 -7.57 -12.81 24.10
C ARG B 184 -7.47 -13.97 25.09
N GLY B 185 -6.27 -14.54 25.23
CA GLY B 185 -6.08 -15.67 26.12
C GLY B 185 -5.51 -15.31 27.47
N SER B 186 -5.11 -14.05 27.63
CA SER B 186 -4.37 -13.65 28.83
C SER B 186 -5.25 -12.98 29.87
N SER B 187 -5.16 -13.46 31.11
CA SER B 187 -5.86 -12.85 32.23
CA SER B 187 -5.88 -12.84 32.21
C SER B 187 -5.36 -11.42 32.49
N SER B 188 -4.34 -11.01 31.75
CA SER B 188 -3.81 -9.65 31.92
C SER B 188 -4.59 -8.64 31.09
N PHE B 189 -5.46 -9.13 30.22
CA PHE B 189 -6.20 -8.26 29.32
C PHE B 189 -7.69 -8.58 29.22
N GLU B 190 -8.50 -7.54 29.03
CA GLU B 190 -9.90 -7.69 28.65
CA GLU B 190 -9.91 -7.68 28.66
C GLU B 190 -10.12 -7.12 27.26
N CYS B 191 -10.56 -7.97 26.33
CA CYS B 191 -10.61 -7.63 24.92
C CYS B 191 -11.98 -7.45 24.26
N THR B 192 -12.02 -6.60 23.24
CA THR B 192 -13.21 -6.31 22.47
C THR B 192 -12.80 -6.15 21.02
N HIS B 193 -13.44 -6.88 20.13
CA HIS B 193 -13.23 -6.71 18.70
C HIS B 193 -14.18 -5.66 18.08
N TYR B 194 -13.64 -4.80 17.21
CA TYR B 194 -14.46 -3.89 16.42
C TYR B 194 -14.30 -4.17 14.94
N SER B 195 -15.30 -4.81 14.34
CA SER B 195 -15.25 -5.09 12.91
C SER B 195 -15.49 -3.80 12.12
N SER B 196 -14.72 -3.61 11.03
CA SER B 196 -14.82 -2.42 10.22
C SER B 196 -14.37 -2.72 8.80
N TYR B 197 -13.73 -1.75 8.15
CA TYR B 197 -13.22 -1.98 6.80
C TYR B 197 -11.83 -1.44 6.63
N LEU B 198 -11.06 -2.13 5.81
CA LEU B 198 -9.71 -1.70 5.46
C LEU B 198 -9.82 -0.31 4.84
N GLU B 199 -8.95 0.60 5.28
CA GLU B 199 -8.99 1.99 4.83
C GLU B 199 -9.18 2.14 3.31
N TYR B 200 -10.23 2.87 2.91
CA TYR B 200 -10.48 3.22 1.49
C TYR B 200 -10.84 2.01 0.62
N MET B 201 -11.17 0.90 1.28
CA MET B 201 -11.55 -0.34 0.59
C MET B 201 -12.84 -0.89 1.19
N LYS B 202 -13.45 -1.86 0.50
CA LYS B 202 -14.60 -2.58 1.06
C LYS B 202 -14.20 -3.93 1.69
N VAL B 203 -12.90 -4.20 1.73
CA VAL B 203 -12.36 -5.38 2.41
C VAL B 203 -12.59 -5.28 3.91
N VAL B 204 -13.02 -6.37 4.55
CA VAL B 204 -13.26 -6.32 5.99
C VAL B 204 -11.93 -6.33 6.76
N ASP B 205 -11.83 -5.48 7.77
CA ASP B 205 -10.67 -5.49 8.64
C ASP B 205 -11.23 -5.17 10.00
N GLY B 206 -10.38 -5.02 11.00
CA GLY B 206 -10.93 -4.77 12.32
C GLY B 206 -9.89 -4.19 13.24
N LEU B 207 -10.34 -3.68 14.39
CA LEU B 207 -9.41 -3.27 15.41
C LEU B 207 -9.72 -4.10 16.64
N GLU B 208 -8.72 -4.26 17.48
CA GLU B 208 -8.91 -4.98 18.72
C GLU B 208 -8.61 -4.00 19.85
N LYS B 209 -9.52 -3.91 20.82
CA LYS B 209 -9.25 -3.14 22.00
C LYS B 209 -8.93 -4.11 23.12
N ALA B 210 -7.81 -3.90 23.79
CA ALA B 210 -7.45 -4.79 24.89
C ALA B 210 -7.07 -3.94 26.07
N ILE B 211 -7.85 -4.04 27.15
CA ILE B 211 -7.61 -3.23 28.33
C ILE B 211 -6.79 -4.03 29.34
N TYR B 212 -5.64 -3.47 29.73
CA TYR B 212 -4.73 -4.14 30.65
C TYR B 212 -5.33 -4.16 32.04
N GLN B 213 -5.18 -5.29 32.72
CA GLN B 213 -5.84 -5.52 34.01
C GLN B 213 -4.88 -5.31 35.17
N GLY B 214 -3.64 -4.94 34.85
CA GLY B 214 -2.64 -4.71 35.87
C GLY B 214 -1.76 -5.91 36.18
N PRO B 215 -0.75 -5.70 37.05
CA PRO B 215 0.17 -6.75 37.50
C PRO B 215 -0.58 -7.94 38.11
MG MG C . -2.20 -4.22 -9.07
N SAH D . 2.27 -3.35 -12.57
CA SAH D . 3.22 -3.15 -11.46
CB SAH D . 2.55 -2.33 -10.36
CG SAH D . 1.93 -1.03 -10.83
SD SAH D . 1.41 0.02 -9.43
C SAH D . 3.78 -4.47 -10.92
O SAH D . 3.06 -5.47 -10.79
OXT SAH D . 4.98 -4.56 -10.59
C5' SAH D . 0.60 1.24 -10.48
C4' SAH D . 1.55 2.21 -11.17
O4' SAH D . 0.84 2.89 -12.18
C3' SAH D . 2.11 3.28 -10.23
O3' SAH D . 3.52 3.18 -10.25
C2' SAH D . 1.61 4.60 -10.79
O2' SAH D . 2.58 5.62 -10.78
C1' SAH D . 1.21 4.26 -12.22
N9 SAH D . 0.06 4.98 -12.79
C8 SAH D . -1.12 5.38 -12.19
N7 SAH D . -1.89 5.96 -13.15
C5 SAH D . -1.22 5.93 -14.33
C6 SAH D . -1.52 6.36 -15.62
N6 SAH D . -2.69 6.97 -15.89
N1 SAH D . -0.61 6.16 -16.64
C2 SAH D . 0.59 5.55 -16.39
N3 SAH D . 0.89 5.12 -15.12
C4 SAH D . 0.00 5.30 -14.11
C4 7JJ E . -3.72 -0.76 -5.36
C5 7JJ E . -3.24 -3.14 -5.15
C7 7JJ E . -3.74 -1.95 -4.59
C10 7JJ E . -4.12 -1.33 -0.88
C13 7JJ E . -4.24 -2.05 -3.20
C15 7JJ E . -5.64 -3.11 -1.53
C17 7JJ E . -2.17 -1.01 -9.28
C1 7JJ E . -2.73 -1.98 -7.25
C2 7JJ E . -3.21 -0.78 -6.68
C3 7JJ E . -2.74 -3.14 -6.46
O6 7JJ E . -2.31 -4.31 -6.97
CL8 7JJ E . -4.35 0.65 -4.63
C9 7JJ E . -3.69 -1.23 -2.21
C11 7JJ E . -5.10 -2.26 -0.54
C12 7JJ E . -5.20 -3.00 -2.85
F14 7JJ E . -5.52 -2.37 0.75
N16 7JJ E . -2.20 -2.11 -8.55
N18 7JJ E . -2.57 0.24 -8.85
C19 7JJ E . -3.14 0.43 -7.56
O20 7JJ E . -3.45 1.59 -7.28
MG MG F . -2.88 0.22 9.67
N SAH G . -0.73 4.92 12.04
CA SAH G . -0.56 5.69 10.80
CB SAH G . 0.04 4.86 9.66
CG SAH G . 1.12 3.85 10.07
SD SAH G . 1.81 3.02 8.59
C SAH G . -1.88 6.36 10.35
O SAH G . -1.88 7.50 9.85
OXT SAH G . -2.97 5.79 10.49
C5' SAH G . 3.07 2.08 9.50
C4' SAH G . 4.26 2.97 9.86
O4' SAH G . 5.06 2.39 10.87
C3' SAH G . 5.21 3.26 8.72
O3' SAH G . 5.33 4.68 8.64
C2' SAH G . 6.51 2.57 9.12
O2' SAH G . 7.68 3.21 8.66
C1' SAH G . 6.44 2.59 10.63
N9 SAH G . 7.12 1.50 11.31
C8 SAH G . 7.27 0.21 10.84
N7 SAH G . 7.91 -0.51 11.79
C5 SAH G . 8.18 0.29 12.85
C6 SAH G . 8.83 0.07 14.07
N6 SAH G . 9.34 -1.11 14.38
N1 SAH G . 8.95 1.12 14.97
C2 SAH G . 8.44 2.35 14.65
N3 SAH G . 7.80 2.56 13.45
C4 SAH G . 7.68 1.55 12.55
C4 7JJ H . -0.49 -2.46 5.90
C5 7JJ H . -2.79 -1.69 6.00
C7 7JJ H . -1.81 -2.45 5.37
C10 7JJ H . -2.01 -3.38 1.71
C13 7JJ H . -2.23 -3.16 4.14
C15 7JJ H . -3.63 -4.72 2.92
C17 7JJ H . 0.28 -0.22 9.36
C1 7JJ H . -1.18 -0.98 7.71
C2 7JJ H . -0.17 -1.74 7.06
C3 7JJ H . -2.47 -0.96 7.16
O6 7JJ H . -3.47 -0.27 7.73
CL8 7JJ H . 0.70 -3.40 5.14
C9 7JJ H . -1.63 -2.79 2.92
C11 7JJ H . -3.01 -4.35 1.72
C12 7JJ H . -3.26 -4.11 4.12
F14 7JJ H . -3.41 -4.94 0.55
N16 7JJ H . -0.94 -0.23 8.88
N18 7JJ H . 1.36 -0.90 8.81
C19 7JJ H . 1.19 -1.71 7.67
O20 7JJ H . 2.21 -2.27 7.26
CL CL I . -2.61 22.12 25.47
NA NA J . -8.62 -11.96 27.63
#